data_3DD7
#
_entry.id   3DD7
#
_cell.length_a   110.944
_cell.length_b   38.201
_cell.length_c   63.734
_cell.angle_alpha   90.00
_cell.angle_beta   99.26
_cell.angle_gamma   90.00
#
_symmetry.space_group_name_H-M   'C 1 2 1'
#
loop_
_entity.id
_entity.type
_entity.pdbx_description
1 polymer 'Death on curing protein'
2 polymer 'Prevent host death protein'
3 non-polymer 'BROMIDE ION'
4 water water
#
loop_
_entity_poly.entity_id
_entity_poly.type
_entity_poly.pdbx_seq_one_letter_code
_entity_poly.pdbx_strand_id
1 'polypeptide(L)'
;MRHISPEELIALHDANISRYGGLPGMSDPGRAEAIIGRVQARVAYEEITDLFEVSATYLVATARGYIFNDANKRTALNSA
LLFLRRNGVQVFDSPELADLTVGAATGEISVSSVADTLRRLYGSADPLEHHHHHH
;
A,C
2 'polypeptide(L)' ALDAEFASLFDTLDSTNKE(MSE)VNR B,D
#
loop_
_chem_comp.id
_chem_comp.type
_chem_comp.name
_chem_comp.formula
BR non-polymer 'BROMIDE ION' 'Br -1'
#
# COMPACT_ATOMS: atom_id res chain seq x y z
N MET A 1 10.68 -11.35 -4.42
CA MET A 1 9.19 -11.48 -4.42
C MET A 1 8.57 -10.27 -3.71
N ARG A 2 7.29 -10.04 -3.97
CA ARG A 2 6.60 -8.87 -3.44
C ARG A 2 5.99 -9.18 -2.07
N HIS A 3 6.46 -8.45 -1.07
CA HIS A 3 6.03 -8.66 0.30
C HIS A 3 4.97 -7.67 0.76
N ILE A 4 4.41 -7.92 1.95
CA ILE A 4 3.42 -7.06 2.55
C ILE A 4 4.09 -6.34 3.70
N SER A 5 4.04 -5.01 3.67
CA SER A 5 4.65 -4.21 4.71
C SER A 5 3.74 -4.17 5.95
N PRO A 6 4.32 -3.80 7.11
CA PRO A 6 3.52 -3.69 8.33
C PRO A 6 2.40 -2.68 8.19
N GLU A 7 2.68 -1.56 7.54
CA GLU A 7 1.68 -0.50 7.41
C GLU A 7 0.59 -0.95 6.44
N GLU A 8 0.97 -1.72 5.43
CA GLU A 8 -0.02 -2.29 4.54
C GLU A 8 -0.89 -3.29 5.26
N LEU A 9 -0.29 -4.10 6.14
CA LEU A 9 -1.06 -5.06 6.93
C LEU A 9 -2.09 -4.33 7.77
N ILE A 10 -1.62 -3.28 8.44
CA ILE A 10 -2.51 -2.46 9.25
C ILE A 10 -3.66 -1.83 8.41
N ALA A 11 -3.34 -1.26 7.26
CA ALA A 11 -4.35 -0.63 6.42
C ALA A 11 -5.38 -1.67 5.95
N LEU A 12 -4.89 -2.87 5.63
CA LEU A 12 -5.76 -3.96 5.19
C LEU A 12 -6.71 -4.35 6.32
N HIS A 13 -6.17 -4.54 7.52
CA HIS A 13 -7.01 -4.73 8.71
C HIS A 13 -8.07 -3.64 8.88
N ASP A 14 -7.65 -2.38 8.80
CA ASP A 14 -8.56 -1.28 9.13
C ASP A 14 -9.67 -1.21 8.07
N ALA A 15 -9.33 -1.46 6.81
CA ALA A 15 -10.34 -1.50 5.73
C ALA A 15 -11.34 -2.64 5.93
N ASN A 16 -10.82 -3.76 6.43
CA ASN A 16 -11.63 -4.93 6.70
C ASN A 16 -12.60 -4.67 7.86
N ILE A 17 -12.11 -3.99 8.88
CA ILE A 17 -12.93 -3.64 10.04
C ILE A 17 -14.09 -2.74 9.58
N SER A 18 -13.75 -1.76 8.75
CA SER A 18 -14.70 -0.80 8.22
CA SER A 18 -14.71 -0.80 8.21
C SER A 18 -15.80 -1.49 7.40
N ARG A 19 -15.42 -2.44 6.58
CA ARG A 19 -16.35 -3.06 5.66
C ARG A 19 -17.22 -4.13 6.35
N TYR A 20 -16.59 -4.94 7.20
CA TYR A 20 -17.23 -6.12 7.78
C TYR A 20 -17.56 -6.00 9.27
N GLY A 21 -16.97 -5.03 9.93
CA GLY A 21 -17.22 -4.81 11.35
C GLY A 21 -16.15 -5.40 12.26
N GLY A 22 -16.21 -4.99 13.52
CA GLY A 22 -15.27 -5.47 14.54
C GLY A 22 -14.67 -4.33 15.35
N LEU A 23 -14.00 -4.67 16.43
CA LEU A 23 -13.33 -3.66 17.28
C LEU A 23 -12.10 -3.08 16.60
N PRO A 24 -11.96 -1.74 16.65
CA PRO A 24 -10.81 -1.12 15.97
C PRO A 24 -9.53 -1.26 16.78
N GLY A 25 -8.40 -1.04 16.11
CA GLY A 25 -7.17 -0.70 16.79
C GLY A 25 -6.18 -1.83 16.99
N MET A 26 -4.96 -1.46 17.35
CA MET A 26 -3.89 -2.43 17.57
CA MET A 26 -3.90 -2.45 17.59
C MET A 26 -3.72 -2.77 19.06
N SER A 27 -3.41 -4.04 19.34
CA SER A 27 -3.20 -4.53 20.72
C SER A 27 -2.03 -3.84 21.39
N ASP A 28 -1.01 -3.58 20.61
CA ASP A 28 0.26 -3.08 21.12
C ASP A 28 0.93 -2.42 19.93
N PRO A 29 1.25 -1.12 20.05
CA PRO A 29 2.06 -0.46 19.02
C PRO A 29 3.40 -1.18 18.89
N GLY A 30 3.80 -1.45 17.66
CA GLY A 30 5.09 -2.07 17.37
C GLY A 30 5.02 -3.53 16.99
N ARG A 31 3.94 -4.21 17.40
CA ARG A 31 3.81 -5.65 17.15
C ARG A 31 3.70 -6.00 15.66
N ALA A 32 3.01 -5.16 14.89
CA ALA A 32 2.88 -5.39 13.44
C ALA A 32 4.27 -5.44 12.79
N GLU A 33 5.06 -4.41 13.07
CA GLU A 33 6.41 -4.31 12.57
C GLU A 33 7.28 -5.48 13.02
N ALA A 34 7.17 -5.86 14.30
CA ALA A 34 7.95 -6.96 14.86
C ALA A 34 7.62 -8.26 14.12
N ILE A 35 6.33 -8.56 14.01
CA ILE A 35 5.92 -9.83 13.42
C ILE A 35 6.21 -9.92 11.94
N ILE A 36 5.82 -8.89 11.19
CA ILE A 36 6.02 -8.92 9.74
CA ILE A 36 6.01 -8.87 9.74
C ILE A 36 7.50 -8.81 9.38
N GLY A 37 8.25 -8.01 10.12
CA GLY A 37 9.71 -7.96 9.97
C GLY A 37 10.32 -9.35 10.16
N ARG A 38 9.87 -10.05 11.20
CA ARG A 38 10.29 -11.44 11.46
C ARG A 38 10.00 -12.37 10.27
N VAL A 39 8.83 -12.22 9.65
CA VAL A 39 8.43 -13.06 8.53
C VAL A 39 9.39 -12.84 7.36
N GLN A 40 9.65 -11.59 7.07
CA GLN A 40 10.46 -11.26 5.91
C GLN A 40 11.90 -11.66 6.13
N ALA A 41 12.40 -11.42 7.33
CA ALA A 41 13.77 -11.84 7.69
C ALA A 41 13.94 -13.35 7.56
N ARG A 42 12.96 -14.10 8.05
CA ARG A 42 12.99 -15.55 7.98
C ARG A 42 12.96 -16.05 6.54
N VAL A 43 12.10 -15.44 5.72
CA VAL A 43 12.02 -15.77 4.31
C VAL A 43 13.38 -15.61 3.61
N ALA A 44 14.06 -14.50 3.89
CA ALA A 44 15.41 -14.28 3.34
C ALA A 44 16.41 -15.26 3.91
N TYR A 45 16.43 -15.39 5.23
CA TYR A 45 17.44 -16.22 5.89
C TYR A 45 17.31 -17.70 5.50
N GLU A 46 16.07 -18.20 5.50
CA GLU A 46 15.83 -19.60 5.20
C GLU A 46 15.74 -19.86 3.69
N GLU A 47 15.86 -18.77 2.91
CA GLU A 47 15.83 -18.85 1.45
C GLU A 47 14.55 -19.50 0.94
N ILE A 48 13.43 -19.02 1.44
CA ILE A 48 12.13 -19.58 1.07
C ILE A 48 11.65 -18.94 -0.24
N THR A 49 11.61 -19.72 -1.30
CA THR A 49 11.20 -19.20 -2.61
C THR A 49 9.81 -19.69 -2.99
N ASP A 50 9.31 -20.66 -2.24
CA ASP A 50 7.99 -21.22 -2.51
C ASP A 50 6.90 -20.26 -2.05
N LEU A 51 6.10 -19.76 -3.00
CA LEU A 51 5.10 -18.75 -2.71
C LEU A 51 4.09 -19.24 -1.68
N PHE A 52 3.77 -20.52 -1.73
CA PHE A 52 2.77 -21.05 -0.79
C PHE A 52 3.28 -21.15 0.63
N GLU A 53 4.57 -21.49 0.77
CA GLU A 53 5.20 -21.48 2.10
C GLU A 53 5.23 -20.06 2.66
N VAL A 54 5.61 -19.10 1.83
CA VAL A 54 5.64 -17.69 2.25
C VAL A 54 4.23 -17.21 2.62
N SER A 55 3.24 -17.43 1.74
CA SER A 55 1.86 -17.06 2.06
CA SER A 55 1.86 -17.07 2.05
C SER A 55 1.42 -17.67 3.38
N ALA A 56 1.74 -18.94 3.59
CA ALA A 56 1.40 -19.62 4.84
C ALA A 56 2.05 -18.95 6.06
N THR A 57 3.30 -18.48 5.90
CA THR A 57 4.05 -17.85 7.00
C THR A 57 3.35 -16.55 7.39
N TYR A 58 2.95 -15.74 6.39
CA TYR A 58 2.12 -14.57 6.68
C TYR A 58 0.83 -14.95 7.40
N LEU A 59 0.13 -15.96 6.87
CA LEU A 59 -1.13 -16.36 7.45
C LEU A 59 -0.94 -16.77 8.92
N VAL A 60 -0.04 -17.71 9.18
CA VAL A 60 0.15 -18.19 10.56
C VAL A 60 0.65 -17.06 11.48
N ALA A 61 1.62 -16.27 10.99
CA ALA A 61 2.21 -15.23 11.85
C ALA A 61 1.17 -14.20 12.33
N THR A 62 0.28 -13.80 11.43
CA THR A 62 -0.76 -12.84 11.79
C THR A 62 -1.88 -13.50 12.60
N ALA A 63 -2.26 -14.70 12.20
CA ALA A 63 -3.33 -15.41 12.87
C ALA A 63 -3.01 -15.66 14.35
N ARG A 64 -1.73 -15.91 14.66
CA ARG A 64 -1.29 -16.19 16.03
C ARG A 64 -0.74 -14.98 16.78
N GLY A 65 -0.55 -13.89 16.06
CA GLY A 65 0.25 -12.76 16.55
C GLY A 65 -0.47 -11.74 17.42
N TYR A 66 -1.81 -11.72 17.35
CA TYR A 66 -2.64 -10.79 18.14
C TYR A 66 -2.13 -9.35 18.01
N ILE A 67 -1.87 -8.97 16.76
CA ILE A 67 -1.48 -7.59 16.45
C ILE A 67 -2.65 -6.63 16.72
N PHE A 68 -3.87 -7.13 16.51
CA PHE A 68 -5.07 -6.30 16.55
C PHE A 68 -6.03 -6.72 17.65
N ASN A 69 -6.90 -5.80 18.06
CA ASN A 69 -7.95 -6.10 19.01
C ASN A 69 -8.97 -7.07 18.42
N ASP A 70 -9.11 -7.02 17.10
CA ASP A 70 -10.12 -7.81 16.42
C ASP A 70 -9.70 -8.01 14.97
N ALA A 71 -10.34 -8.99 14.33
CA ALA A 71 -10.16 -9.31 12.92
C ALA A 71 -8.73 -9.75 12.60
N ASN A 72 -8.06 -10.37 13.58
CA ASN A 72 -6.76 -10.96 13.31
C ASN A 72 -6.84 -12.09 12.30
N LYS A 73 -7.84 -12.95 12.45
CA LYS A 73 -7.97 -14.08 11.51
C LYS A 73 -8.30 -13.57 10.10
N ARG A 74 -9.25 -12.63 10.01
CA ARG A 74 -9.58 -12.05 8.71
C ARG A 74 -8.34 -11.43 8.07
N THR A 75 -7.56 -10.71 8.86
CA THR A 75 -6.41 -9.99 8.32
C THR A 75 -5.37 -11.02 7.91
N ALA A 76 -5.24 -12.09 8.70
CA ALA A 76 -4.30 -13.17 8.41
C ALA A 76 -4.61 -13.76 7.02
N LEU A 77 -5.88 -14.17 6.85
CA LEU A 77 -6.35 -14.80 5.60
C LEU A 77 -6.21 -13.88 4.36
N ASN A 78 -6.76 -12.68 4.47
CA ASN A 78 -6.74 -11.75 3.35
C ASN A 78 -5.32 -11.33 2.96
N SER A 79 -4.43 -11.17 3.95
CA SER A 79 -3.04 -10.75 3.67
CA SER A 79 -3.06 -10.75 3.65
C SER A 79 -2.29 -11.87 2.94
N ALA A 80 -2.46 -13.11 3.42
CA ALA A 80 -1.85 -14.28 2.77
C ALA A 80 -2.27 -14.35 1.31
N LEU A 81 -3.55 -14.07 1.06
CA LEU A 81 -4.07 -14.22 -0.30
C LEU A 81 -3.72 -13.00 -1.16
N LEU A 82 -3.63 -11.85 -0.51
CA LEU A 82 -3.10 -10.65 -1.17
C LEU A 82 -1.67 -10.89 -1.62
N PHE A 83 -0.88 -11.50 -0.73
CA PHE A 83 0.47 -11.87 -1.03
C PHE A 83 0.51 -12.77 -2.29
N LEU A 84 -0.30 -13.83 -2.31
CA LEU A 84 -0.33 -14.72 -3.48
C LEU A 84 -0.72 -13.95 -4.76
N ARG A 85 -1.78 -13.15 -4.68
CA ARG A 85 -2.24 -12.35 -5.82
C ARG A 85 -1.17 -11.38 -6.37
N ARG A 86 -0.43 -10.72 -5.49
CA ARG A 86 0.61 -9.80 -5.95
C ARG A 86 1.74 -10.53 -6.66
N ASN A 87 1.93 -11.78 -6.28
CA ASN A 87 3.00 -12.58 -6.87
C ASN A 87 2.53 -13.44 -8.05
N GLY A 88 1.37 -13.08 -8.58
CA GLY A 88 0.87 -13.66 -9.83
C GLY A 88 0.09 -14.95 -9.66
N VAL A 89 -0.27 -15.30 -8.42
CA VAL A 89 -1.13 -16.45 -8.20
C VAL A 89 -2.59 -16.00 -8.11
N GLN A 90 -3.42 -16.48 -9.03
CA GLN A 90 -4.86 -16.18 -8.98
CA GLN A 90 -4.84 -16.16 -8.96
C GLN A 90 -5.48 -16.78 -7.73
N VAL A 91 -6.24 -15.98 -7.00
CA VAL A 91 -6.91 -16.46 -5.80
C VAL A 91 -8.42 -16.35 -5.98
N PHE A 92 -9.15 -17.14 -5.20
CA PHE A 92 -10.60 -17.16 -5.22
C PHE A 92 -11.04 -17.66 -3.85
N ASP A 93 -12.31 -17.43 -3.50
CA ASP A 93 -12.82 -17.89 -2.22
C ASP A 93 -13.04 -19.41 -2.27
N SER A 94 -12.84 -20.07 -1.14
CA SER A 94 -13.13 -21.48 -1.00
C SER A 94 -13.77 -21.66 0.37
N PRO A 95 -14.77 -22.56 0.47
CA PRO A 95 -15.39 -22.78 1.79
C PRO A 95 -14.45 -23.44 2.81
N GLU A 96 -13.23 -23.84 2.40
CA GLU A 96 -12.24 -24.40 3.36
C GLU A 96 -11.42 -23.36 4.14
N LEU A 97 -11.44 -22.12 3.68
CA LEU A 97 -10.53 -21.07 4.19
C LEU A 97 -10.77 -20.69 5.65
N ALA A 98 -12.05 -20.61 6.04
CA ALA A 98 -12.39 -20.21 7.41
C ALA A 98 -11.80 -21.18 8.44
N ASP A 99 -12.09 -22.48 8.31
CA ASP A 99 -11.58 -23.49 9.26
C ASP A 99 -10.06 -23.58 9.22
N LEU A 100 -9.48 -23.36 8.04
CA LEU A 100 -8.01 -23.36 7.87
C LEU A 100 -7.41 -22.27 8.74
N THR A 101 -8.02 -21.09 8.66
CA THR A 101 -7.48 -19.92 9.32
C THR A 101 -7.65 -20.07 10.83
N VAL A 102 -8.81 -20.55 11.26
CA VAL A 102 -9.04 -20.82 12.70
C VAL A 102 -8.00 -21.83 13.21
N GLY A 103 -7.78 -22.91 12.46
CA GLY A 103 -6.81 -23.92 12.86
C GLY A 103 -5.40 -23.37 12.97
N ALA A 104 -5.04 -22.48 12.05
CA ALA A 104 -3.75 -21.81 12.10
C ALA A 104 -3.66 -20.95 13.35
N ALA A 105 -4.75 -20.25 13.62
CA ALA A 105 -4.83 -19.30 14.72
C ALA A 105 -4.66 -19.99 16.09
N THR A 106 -5.21 -21.20 16.22
CA THR A 106 -5.21 -21.93 17.49
C THR A 106 -3.93 -22.72 17.69
N GLY A 107 -3.06 -22.72 16.68
CA GLY A 107 -1.83 -23.51 16.74
C GLY A 107 -1.99 -24.97 16.32
N GLU A 108 -3.16 -25.33 15.81
CA GLU A 108 -3.44 -26.72 15.43
C GLU A 108 -2.89 -27.08 14.06
N ILE A 109 -2.77 -26.09 13.19
CA ILE A 109 -2.25 -26.31 11.85
C ILE A 109 -0.95 -25.52 11.66
N SER A 110 0.12 -26.23 11.29
CA SER A 110 1.44 -25.63 11.10
C SER A 110 1.49 -24.79 9.82
N VAL A 111 2.54 -23.98 9.70
CA VAL A 111 2.87 -23.29 8.47
C VAL A 111 2.94 -24.27 7.27
N SER A 112 3.70 -25.35 7.40
CA SER A 112 3.84 -26.34 6.33
CA SER A 112 3.84 -26.36 6.35
C SER A 112 2.47 -26.88 5.89
N SER A 113 1.62 -27.18 6.87
CA SER A 113 0.29 -27.71 6.56
C SER A 113 -0.61 -26.65 5.90
N VAL A 114 -0.53 -25.41 6.39
CA VAL A 114 -1.27 -24.32 5.75
C VAL A 114 -0.81 -24.16 4.29
N ALA A 115 0.50 -24.20 4.09
CA ALA A 115 1.06 -24.10 2.73
C ALA A 115 0.55 -25.23 1.85
N ASP A 116 0.45 -26.44 2.41
CA ASP A 116 0.00 -27.60 1.65
C ASP A 116 -1.43 -27.37 1.15
N THR A 117 -2.25 -26.77 2.00
CA THR A 117 -3.64 -26.51 1.65
C THR A 117 -3.74 -25.41 0.61
N LEU A 118 -3.02 -24.32 0.83
CA LEU A 118 -3.01 -23.20 -0.14
C LEU A 118 -2.53 -23.69 -1.50
N ARG A 119 -1.51 -24.56 -1.50
CA ARG A 119 -0.96 -25.07 -2.76
C ARG A 119 -2.00 -25.94 -3.49
N ARG A 120 -2.75 -26.75 -2.74
CA ARG A 120 -3.81 -27.54 -3.36
C ARG A 120 -4.86 -26.62 -3.96
N LEU A 121 -5.29 -25.62 -3.20
CA LEU A 121 -6.36 -24.72 -3.64
C LEU A 121 -5.94 -23.90 -4.85
N TYR A 122 -4.75 -23.31 -4.80
CA TYR A 122 -4.36 -22.26 -5.76
C TYR A 122 -3.18 -22.54 -6.69
N GLY A 123 -2.46 -23.63 -6.48
CA GLY A 123 -1.26 -23.92 -7.28
C GLY A 123 -1.52 -24.55 -8.66
N ALA B 4 -8.54 0.33 -3.73
CA ALA B 4 -9.14 -0.61 -4.75
C ALA B 4 -8.42 -1.95 -4.68
N GLU B 5 -7.14 -1.89 -4.30
CA GLU B 5 -6.33 -3.09 -4.04
C GLU B 5 -7.11 -4.00 -3.11
N PHE B 6 -7.46 -3.46 -1.93
CA PHE B 6 -8.27 -4.18 -0.94
C PHE B 6 -9.73 -4.46 -1.30
N ALA B 7 -10.46 -3.48 -1.87
CA ALA B 7 -11.87 -3.71 -2.23
C ALA B 7 -12.02 -4.94 -3.14
N SER B 8 -11.17 -5.06 -4.16
CA SER B 8 -11.24 -6.21 -5.06
C SER B 8 -10.94 -7.53 -4.31
N LEU B 9 -9.99 -7.48 -3.37
CA LEU B 9 -9.65 -8.67 -2.63
C LEU B 9 -10.82 -9.09 -1.73
N PHE B 10 -11.41 -8.11 -1.05
CA PHE B 10 -12.54 -8.36 -0.16
C PHE B 10 -13.73 -8.85 -0.96
N ASP B 11 -13.97 -8.25 -2.13
CA ASP B 11 -15.04 -8.75 -3.02
C ASP B 11 -14.85 -10.24 -3.29
N THR B 12 -13.65 -10.61 -3.71
CA THR B 12 -13.40 -12.00 -4.03
C THR B 12 -13.67 -12.90 -2.84
N LEU B 13 -13.22 -12.48 -1.66
CA LEU B 13 -13.34 -13.30 -0.45
C LEU B 13 -14.53 -12.88 0.42
N ASP B 14 -15.58 -12.33 -0.21
CA ASP B 14 -16.64 -11.68 0.57
C ASP B 14 -17.36 -12.66 1.50
N SER B 15 -17.62 -13.85 0.95
CA SER B 15 -18.33 -14.91 1.66
CA SER B 15 -18.34 -14.87 1.68
C SER B 15 -17.58 -15.30 2.92
N THR B 16 -16.29 -15.57 2.79
CA THR B 16 -15.51 -16.02 3.92
C THR B 16 -15.30 -14.91 4.95
N ASN B 17 -15.09 -13.68 4.46
CA ASN B 17 -14.99 -12.53 5.35
C ASN B 17 -16.25 -12.38 6.21
N LYS B 18 -17.42 -12.50 5.59
CA LYS B 18 -18.69 -12.41 6.32
C LYS B 18 -18.87 -13.55 7.33
N GLU B 19 -18.54 -14.76 6.89
CA GLU B 19 -18.59 -15.95 7.72
C GLU B 19 -17.76 -15.81 8.98
N MSE B 20 -16.58 -15.20 8.84
CA MSE B 20 -15.63 -15.13 9.94
CA MSE B 20 -15.62 -15.13 9.94
C MSE B 20 -15.93 -14.04 10.96
O MSE B 20 -15.37 -14.03 12.06
CB MSE B 20 -14.20 -15.06 9.42
CB MSE B 20 -14.21 -14.98 9.39
CG MSE B 20 -13.74 -16.37 8.82
CG MSE B 20 -13.84 -16.10 8.44
SE MSE B 20 -12.03 -16.89 9.56
SE MSE B 20 -11.99 -15.97 7.95
CE MSE B 20 -10.92 -15.56 8.66
CE MSE B 20 -11.22 -16.77 9.54
N VAL B 21 -16.83 -13.11 10.60
CA VAL B 21 -17.30 -12.07 11.53
C VAL B 21 -18.36 -12.65 12.47
N MET C 1 15.99 22.51 -0.74
CA MET C 1 14.89 22.29 -1.72
C MET C 1 13.50 22.57 -1.14
N ARG C 2 12.54 22.78 -2.04
CA ARG C 2 11.18 23.06 -1.62
C ARG C 2 10.38 21.77 -1.50
N HIS C 3 9.95 21.50 -0.28
CA HIS C 3 9.21 20.30 0.07
C HIS C 3 7.70 20.53 0.08
N ILE C 4 6.97 19.48 0.37
CA ILE C 4 5.50 19.51 0.42
C ILE C 4 5.15 19.18 1.87
N SER C 5 4.32 20.02 2.49
CA SER C 5 3.86 19.75 3.86
C SER C 5 2.71 18.73 3.91
N PRO C 6 2.52 18.11 5.08
CA PRO C 6 1.36 17.23 5.24
C PRO C 6 0.05 17.96 4.93
N GLU C 7 -0.09 19.21 5.36
CA GLU C 7 -1.33 19.95 5.06
C GLU C 7 -1.54 20.11 3.56
N GLU C 8 -0.46 20.41 2.83
CA GLU C 8 -0.51 20.57 1.38
C GLU C 8 -0.86 19.26 0.71
N LEU C 9 -0.30 18.16 1.23
CA LEU C 9 -0.58 16.85 0.64
C LEU C 9 -2.07 16.56 0.75
N ILE C 10 -2.62 16.86 1.92
CA ILE C 10 -4.05 16.65 2.17
C ILE C 10 -4.90 17.56 1.28
N ALA C 11 -4.52 18.83 1.19
CA ALA C 11 -5.27 19.79 0.37
C ALA C 11 -5.19 19.44 -1.13
N LEU C 12 -4.02 18.95 -1.56
CA LEU C 12 -3.84 18.52 -2.95
CA LEU C 12 -3.82 18.51 -2.94
C LEU C 12 -4.75 17.32 -3.24
N HIS C 13 -4.76 16.36 -2.33
CA HIS C 13 -5.67 15.22 -2.43
C HIS C 13 -7.13 15.68 -2.49
N ASP C 14 -7.50 16.59 -1.59
CA ASP C 14 -8.90 17.00 -1.49
C ASP C 14 -9.35 17.71 -2.79
N ALA C 15 -8.49 18.59 -3.29
CA ALA C 15 -8.73 19.28 -4.56
C ALA C 15 -8.83 18.30 -5.72
N ASN C 16 -8.00 17.26 -5.70
CA ASN C 16 -8.05 16.24 -6.76
C ASN C 16 -9.36 15.43 -6.76
N ILE C 17 -9.77 15.01 -5.57
CA ILE C 17 -11.07 14.37 -5.38
C ILE C 17 -12.21 15.24 -5.92
N SER C 18 -12.24 16.52 -5.53
CA SER C 18 -13.29 17.44 -5.95
CA SER C 18 -13.30 17.43 -5.96
C SER C 18 -13.29 17.61 -7.48
N ARG C 19 -12.09 17.76 -8.04
CA ARG C 19 -12.01 17.99 -9.48
C ARG C 19 -12.29 16.75 -10.32
N TYR C 20 -11.79 15.59 -9.88
CA TYR C 20 -11.84 14.40 -10.74
C TYR C 20 -12.82 13.31 -10.31
N GLY C 21 -13.23 13.36 -9.05
CA GLY C 21 -14.13 12.34 -8.50
C GLY C 21 -13.41 11.41 -7.54
N GLY C 22 -14.19 10.65 -6.80
CA GLY C 22 -13.65 9.68 -5.87
C GLY C 22 -14.26 9.83 -4.49
N LEU C 23 -13.96 8.87 -3.62
CA LEU C 23 -14.48 8.85 -2.26
C LEU C 23 -13.66 9.81 -1.39
N PRO C 24 -14.30 10.82 -0.78
CA PRO C 24 -13.51 11.79 -0.03
C PRO C 24 -13.02 11.28 1.32
N GLY C 25 -12.09 12.04 1.92
CA GLY C 25 -11.69 11.83 3.30
C GLY C 25 -10.48 10.94 3.52
N MET C 26 -10.07 10.83 4.78
CA MET C 26 -8.85 10.12 5.15
C MET C 26 -9.14 8.78 5.81
N ASP C 28 -6.78 6.92 7.62
CA ASP C 28 -5.86 7.02 8.75
C ASP C 28 -5.23 8.42 8.78
N PRO C 29 -5.87 9.38 9.49
CA PRO C 29 -5.46 10.80 9.45
C PRO C 29 -4.02 11.07 9.87
N GLY C 30 -3.50 10.29 10.80
CA GLY C 30 -2.17 10.54 11.36
C GLY C 30 -1.06 10.19 10.40
N ARG C 31 -1.39 9.34 9.43
CA ARG C 31 -0.42 8.86 8.46
C ARG C 31 0.16 9.98 7.62
N ALA C 32 -0.60 11.07 7.40
CA ALA C 32 -0.15 12.15 6.52
C ALA C 32 1.13 12.76 7.06
N GLU C 33 1.10 13.18 8.32
CA GLU C 33 2.27 13.77 8.97
CA GLU C 33 2.28 13.77 8.96
C GLU C 33 3.38 12.73 9.12
N ALA C 34 3.00 11.49 9.42
CA ALA C 34 3.96 10.42 9.67
C ALA C 34 4.74 10.15 8.38
N ILE C 35 4.00 9.99 7.30
CA ILE C 35 4.62 9.63 6.02
C ILE C 35 5.49 10.75 5.44
N ILE C 36 4.94 11.96 5.39
CA ILE C 36 5.67 13.12 4.86
C ILE C 36 6.92 13.44 5.71
N GLY C 37 6.74 13.34 7.03
CA GLY C 37 7.84 13.50 7.98
C GLY C 37 8.95 12.50 7.70
N ARG C 38 8.55 11.25 7.46
CA ARG C 38 9.52 10.18 7.20
CA ARG C 38 9.52 10.18 7.20
C ARG C 38 10.24 10.45 5.89
N VAL C 39 9.50 10.88 4.86
CA VAL C 39 10.12 11.24 3.58
C VAL C 39 11.18 12.31 3.82
N GLN C 40 10.80 13.37 4.53
CA GLN C 40 11.73 14.49 4.74
C GLN C 40 12.97 14.15 5.57
N ALA C 41 12.78 13.35 6.62
CA ALA C 41 13.89 12.97 7.48
C ALA C 41 14.84 12.11 6.67
N ARG C 42 14.28 11.25 5.82
CA ARG C 42 15.13 10.38 4.97
CA ARG C 42 15.06 10.39 4.95
C ARG C 42 15.96 11.20 4.03
N VAL C 43 15.36 12.22 3.42
CA VAL C 43 16.07 13.10 2.51
C VAL C 43 17.24 13.75 3.27
N ALA C 44 16.97 14.20 4.50
CA ALA C 44 18.01 14.83 5.31
C ALA C 44 19.08 13.81 5.70
N TYR C 45 18.63 12.68 6.25
CA TYR C 45 19.57 11.70 6.81
C TYR C 45 20.45 11.05 5.75
N GLU C 46 19.87 10.68 4.62
CA GLU C 46 20.60 10.01 3.54
C GLU C 46 21.20 11.01 2.54
N GLU C 47 21.05 12.29 2.87
CA GLU C 47 21.61 13.39 2.08
C GLU C 47 21.22 13.29 0.60
N ILE C 48 19.92 13.17 0.36
CA ILE C 48 19.40 13.03 -1.01
C ILE C 48 19.28 14.40 -1.67
N THR C 49 20.14 14.65 -2.65
CA THR C 49 20.18 15.95 -3.34
C THR C 49 19.58 15.86 -4.74
N ASP C 50 19.41 14.62 -5.19
CA ASP C 50 18.86 14.40 -6.52
CA ASP C 50 18.86 14.30 -6.51
C ASP C 50 17.36 14.58 -6.51
N LEU C 51 16.90 15.56 -7.27
CA LEU C 51 15.47 15.89 -7.28
C LEU C 51 14.57 14.74 -7.70
N PHE C 52 15.07 13.91 -8.62
CA PHE C 52 14.27 12.77 -9.06
C PHE C 52 14.15 11.63 -8.03
N GLU C 53 15.21 11.41 -7.27
CA GLU C 53 15.13 10.48 -6.15
CA GLU C 53 15.15 10.49 -6.14
C GLU C 53 14.17 11.02 -5.07
N VAL C 54 14.22 12.32 -4.82
CA VAL C 54 13.29 12.89 -3.83
C VAL C 54 11.86 12.76 -4.35
N SER C 55 11.63 13.16 -5.60
CA SER C 55 10.29 13.04 -6.21
C SER C 55 9.72 11.60 -6.07
N ALA C 56 10.56 10.63 -6.38
CA ALA C 56 10.20 9.22 -6.36
C ALA C 56 9.90 8.75 -4.96
N THR C 57 10.59 9.34 -3.97
CA THR C 57 10.41 9.01 -2.56
C THR C 57 9.03 9.50 -2.15
N TYR C 58 8.67 10.71 -2.58
CA TYR C 58 7.31 11.20 -2.35
C TYR C 58 6.29 10.29 -2.99
N LEU C 59 6.54 9.93 -4.24
CA LEU C 59 5.56 9.13 -4.99
C LEU C 59 5.31 7.79 -4.29
N VAL C 60 6.37 7.05 -4.02
CA VAL C 60 6.26 5.70 -3.47
C VAL C 60 5.67 5.74 -2.06
N ALA C 61 6.10 6.70 -1.25
CA ALA C 61 5.65 6.77 0.15
C ALA C 61 4.15 6.98 0.21
N THR C 62 3.64 7.88 -0.62
CA THR C 62 2.21 8.18 -0.66
C THR C 62 1.42 7.06 -1.36
N ALA C 63 1.95 6.54 -2.46
CA ALA C 63 1.26 5.48 -3.21
C ALA C 63 1.02 4.24 -2.36
N ARG C 64 1.99 3.91 -1.51
CA ARG C 64 1.93 2.72 -0.65
C ARG C 64 1.50 3.04 0.79
N GLY C 65 1.10 4.28 1.03
CA GLY C 65 0.89 4.78 2.39
C GLY C 65 -0.50 4.66 2.99
N TYR C 66 -1.52 4.51 2.14
CA TYR C 66 -2.91 4.35 2.61
C TYR C 66 -3.38 5.48 3.52
N ILE C 67 -2.97 6.69 3.18
CA ILE C 67 -3.32 7.85 4.00
C ILE C 67 -4.81 8.16 3.85
N PHE C 68 -5.31 7.93 2.63
CA PHE C 68 -6.62 8.42 2.24
C PHE C 68 -7.58 7.28 1.90
N ASN C 69 -8.88 7.58 1.95
CA ASN C 69 -9.89 6.63 1.53
C ASN C 69 -9.83 6.30 0.04
N ASP C 70 -9.37 7.24 -0.77
CA ASP C 70 -9.33 7.08 -2.24
C ASP C 70 -8.35 8.10 -2.80
N ALA C 71 -7.99 7.92 -4.07
CA ALA C 71 -7.06 8.80 -4.76
C ALA C 71 -5.66 8.82 -4.14
N ASN C 72 -5.23 7.72 -3.53
CA ASN C 72 -3.86 7.63 -3.00
C ASN C 72 -2.83 7.68 -4.12
N LYS C 73 -3.06 6.88 -5.15
CA LYS C 73 -2.22 6.89 -6.36
C LYS C 73 -2.21 8.25 -7.08
N ARG C 74 -3.38 8.82 -7.32
CA ARG C 74 -3.44 10.14 -7.93
C ARG C 74 -2.69 11.18 -7.10
N THR C 75 -2.91 11.16 -5.78
CA THR C 75 -2.22 12.09 -4.90
C THR C 75 -0.71 11.86 -4.94
N ALA C 76 -0.27 10.59 -4.88
CA ALA C 76 1.15 10.26 -5.00
C ALA C 76 1.79 10.88 -6.26
N LEU C 77 1.16 10.63 -7.40
CA LEU C 77 1.72 11.09 -8.69
C LEU C 77 1.73 12.62 -8.76
N ASN C 78 0.59 13.23 -8.41
CA ASN C 78 0.50 14.68 -8.50
C ASN C 78 1.48 15.37 -7.55
N SER C 79 1.65 14.81 -6.36
CA SER C 79 2.57 15.39 -5.39
CA SER C 79 2.56 15.41 -5.40
C SER C 79 4.01 15.27 -5.83
N ALA C 80 4.37 14.10 -6.37
CA ALA C 80 5.71 13.86 -6.87
C ALA C 80 6.06 14.91 -7.92
N LEU C 81 5.11 15.15 -8.83
CA LEU C 81 5.34 16.09 -9.93
C LEU C 81 5.24 17.56 -9.49
N LEU C 82 4.39 17.82 -8.51
CA LEU C 82 4.37 19.13 -7.85
C LEU C 82 5.74 19.44 -7.27
N PHE C 83 6.31 18.46 -6.57
CA PHE C 83 7.61 18.62 -5.97
C PHE C 83 8.61 19.02 -7.05
N LEU C 84 8.60 18.30 -8.17
CA LEU C 84 9.57 18.57 -9.24
C LEU C 84 9.39 19.99 -9.78
N ARG C 85 8.14 20.36 -10.05
CA ARG C 85 7.85 21.66 -10.63
C ARG C 85 8.30 22.78 -9.66
N ARG C 86 8.05 22.58 -8.37
CA ARG C 86 8.41 23.59 -7.35
C ARG C 86 9.92 23.81 -7.28
N ASN C 87 10.68 22.81 -7.74
CA ASN C 87 12.15 22.88 -7.76
C ASN C 87 12.80 23.13 -9.13
N GLY C 88 12.00 23.69 -10.04
CA GLY C 88 12.51 24.20 -11.31
C GLY C 88 12.57 23.16 -12.44
N VAL C 89 12.01 21.98 -12.20
CA VAL C 89 11.90 20.95 -13.25
C VAL C 89 10.60 21.14 -14.03
N GLN C 90 10.72 21.28 -15.34
CA GLN C 90 9.54 21.37 -16.19
C GLN C 90 8.88 20.01 -16.30
N VAL C 91 7.62 19.95 -15.90
CA VAL C 91 6.85 18.72 -15.98
C VAL C 91 5.74 18.81 -17.03
N PHE C 92 5.35 17.66 -17.57
CA PHE C 92 4.32 17.58 -18.59
C PHE C 92 3.70 16.18 -18.48
N ASP C 93 2.50 16.01 -19.01
CA ASP C 93 1.82 14.73 -18.92
C ASP C 93 2.44 13.72 -19.88
N SER C 94 2.35 12.44 -19.52
CA SER C 94 2.92 11.37 -20.31
C SER C 94 2.05 10.13 -20.16
N PRO C 95 1.88 9.37 -21.24
CA PRO C 95 0.97 8.22 -21.15
C PRO C 95 1.43 7.10 -20.17
N GLU C 96 2.70 7.09 -19.75
CA GLU C 96 3.18 6.06 -18.82
CA GLU C 96 3.20 6.06 -18.83
C GLU C 96 3.04 6.43 -17.33
N LEU C 97 2.60 7.65 -17.06
CA LEU C 97 2.51 8.10 -15.67
C LEU C 97 1.56 7.26 -14.81
N ALA C 98 0.40 6.88 -15.35
CA ALA C 98 -0.58 6.14 -14.56
C ALA C 98 -0.03 4.77 -14.15
N ASP C 99 0.49 4.03 -15.12
CA ASP C 99 1.01 2.69 -14.87
C ASP C 99 2.27 2.73 -14.01
N LEU C 100 3.11 3.76 -14.20
CA LEU C 100 4.25 3.98 -13.31
C LEU C 100 3.81 4.01 -11.85
N THR C 101 2.76 4.78 -11.59
CA THR C 101 2.23 4.97 -10.23
C THR C 101 1.63 3.68 -9.69
N VAL C 102 0.83 3.02 -10.52
CA VAL C 102 0.29 1.69 -10.20
C VAL C 102 1.41 0.73 -9.76
N GLY C 103 2.46 0.65 -10.57
CA GLY C 103 3.57 -0.26 -10.28
C GLY C 103 4.23 0.14 -8.97
N ALA C 104 4.37 1.46 -8.75
CA ALA C 104 4.93 1.95 -7.48
C ALA C 104 4.06 1.52 -6.30
N ALA C 105 2.74 1.65 -6.45
CA ALA C 105 1.81 1.42 -5.35
C ALA C 105 1.80 -0.03 -4.88
N THR C 106 2.09 -0.94 -5.82
CA THR C 106 2.07 -2.39 -5.54
C THR C 106 3.44 -2.92 -5.15
N GLY C 107 4.46 -2.08 -5.30
CA GLY C 107 5.85 -2.47 -5.05
C GLY C 107 6.54 -3.16 -6.21
N GLU C 108 5.86 -3.28 -7.35
CA GLU C 108 6.46 -3.84 -8.56
C GLU C 108 7.51 -2.90 -9.16
N ILE C 109 7.47 -1.63 -8.79
CA ILE C 109 8.44 -0.65 -9.28
C ILE C 109 9.10 0.05 -8.08
N SER C 110 10.42 -0.04 -7.98
CA SER C 110 11.13 0.51 -6.81
C SER C 110 11.25 2.02 -6.87
N VAL C 111 11.62 2.64 -5.75
CA VAL C 111 11.92 4.07 -5.72
C VAL C 111 13.01 4.44 -6.74
N SER C 112 14.09 3.67 -6.78
CA SER C 112 15.19 3.97 -7.70
CA SER C 112 15.18 3.98 -7.70
C SER C 112 14.68 3.92 -9.14
N SER C 113 13.82 2.94 -9.42
CA SER C 113 13.25 2.77 -10.76
C SER C 113 12.30 3.91 -11.12
N VAL C 114 11.41 4.28 -10.19
CA VAL C 114 10.61 5.48 -10.36
C VAL C 114 11.49 6.73 -10.68
N ALA C 115 12.54 6.94 -9.89
CA ALA C 115 13.45 8.07 -10.10
C ALA C 115 14.03 8.10 -11.51
N ASP C 116 14.56 6.96 -11.95
CA ASP C 116 15.16 6.82 -13.28
C ASP C 116 14.15 7.16 -14.38
N THR C 117 12.93 6.66 -14.22
CA THR C 117 11.86 6.87 -15.19
C THR C 117 11.49 8.37 -15.26
N LEU C 118 11.26 8.97 -14.10
CA LEU C 118 11.03 10.42 -14.04
C LEU C 118 12.20 11.20 -14.63
N ARG C 119 13.44 10.78 -14.34
CA ARG C 119 14.63 11.46 -14.85
CA ARG C 119 14.62 11.49 -14.86
C ARG C 119 14.72 11.40 -16.39
N ARG C 120 14.35 10.26 -16.95
CA ARG C 120 14.39 10.11 -18.41
C ARG C 120 13.34 10.99 -19.07
N LEU C 121 12.20 11.15 -18.39
CA LEU C 121 11.13 12.01 -18.89
C LEU C 121 11.44 13.50 -18.80
N TYR C 122 11.91 13.95 -17.64
CA TYR C 122 11.98 15.39 -17.31
C TYR C 122 13.37 15.98 -17.09
N GLY C 123 14.36 15.11 -16.85
CA GLY C 123 15.71 15.57 -16.51
C GLY C 123 16.38 16.18 -17.71
N ALA D 1 -4.50 24.47 -0.23
CA ALA D 1 -3.00 24.39 -0.02
C ALA D 1 -2.54 25.65 -0.74
N LEU D 2 -2.08 25.52 -1.98
CA LEU D 2 -2.10 26.68 -2.91
C LEU D 2 -3.11 26.27 -3.99
N ASP D 3 -4.35 26.77 -3.89
CA ASP D 3 -5.44 26.41 -4.83
CA ASP D 3 -5.39 26.32 -4.83
C ASP D 3 -5.03 26.57 -6.28
N ALA D 4 -4.54 27.78 -6.60
CA ALA D 4 -4.17 28.09 -8.00
C ALA D 4 -2.98 27.25 -8.48
N GLU D 5 -2.01 27.03 -7.59
CA GLU D 5 -0.85 26.20 -7.93
C GLU D 5 -1.26 24.76 -8.22
N PHE D 6 -2.12 24.21 -7.36
CA PHE D 6 -2.65 22.87 -7.59
C PHE D 6 -3.40 22.82 -8.91
N ALA D 7 -4.22 23.84 -9.17
CA ALA D 7 -5.08 23.88 -10.36
C ALA D 7 -4.27 23.80 -11.66
N SER D 8 -3.18 24.56 -11.75
CA SER D 8 -2.33 24.56 -12.95
C SER D 8 -1.62 23.22 -13.11
N LEU D 9 -1.26 22.60 -11.99
CA LEU D 9 -0.63 21.30 -12.03
C LEU D 9 -1.61 20.26 -12.59
N PHE D 10 -2.81 20.22 -12.02
CA PHE D 10 -3.90 19.37 -12.52
C PHE D 10 -4.12 19.64 -14.02
N ASP D 11 -4.15 20.93 -14.41
CA ASP D 11 -4.28 21.30 -15.83
C ASP D 11 -3.25 20.55 -16.67
N THR D 12 -1.98 20.70 -16.29
CA THR D 12 -0.88 20.02 -16.99
C THR D 12 -1.04 18.49 -17.03
N LEU D 13 -1.52 17.90 -15.94
CA LEU D 13 -1.66 16.44 -15.85
C LEU D 13 -3.09 15.97 -16.04
N ASP D 14 -3.89 16.76 -16.78
CA ASP D 14 -5.34 16.54 -16.82
C ASP D 14 -5.77 15.17 -17.34
N SER D 15 -5.14 14.76 -18.44
CA SER D 15 -5.43 13.48 -19.08
CA SER D 15 -5.46 13.49 -19.07
C SER D 15 -5.19 12.29 -18.14
N THR D 16 -4.02 12.28 -17.51
CA THR D 16 -3.67 11.18 -16.62
C THR D 16 -4.61 11.14 -15.41
N ASN D 17 -4.87 12.30 -14.83
CA ASN D 17 -5.83 12.37 -13.72
C ASN D 17 -7.18 11.74 -14.08
N LYS D 18 -7.72 12.13 -15.24
CA LYS D 18 -8.97 11.53 -15.75
C LYS D 18 -8.87 10.02 -15.91
N GLU D 19 -7.77 9.56 -16.52
CA GLU D 19 -7.54 8.15 -16.77
C GLU D 19 -7.59 7.35 -15.47
N MSE D 20 -7.02 7.92 -14.43
CA MSE D 20 -6.86 7.22 -13.17
C MSE D 20 -8.13 7.16 -12.31
O MSE D 20 -8.21 6.37 -11.37
CB MSE D 20 -5.70 7.82 -12.37
CG MSE D 20 -4.35 7.64 -13.03
SE MSE D 20 -2.84 8.44 -12.04
CE MSE D 20 -2.68 7.10 -10.64
N VAL D 21 -9.13 7.97 -12.64
CA VAL D 21 -10.33 8.03 -11.78
C VAL D 21 -10.98 6.65 -11.66
N ASN D 22 -11.26 6.27 -10.42
CA ASN D 22 -11.52 4.88 -10.07
C ASN D 22 -12.76 4.64 -9.23
BR BR E . -11.62 -12.51 12.49
BR BR F . 4.15 -23.49 12.59
BR BR G . -16.76 -19.80 -1.27
BR BR H . -8.88 -10.68 -6.10
BR BR I . 1.05 -2.58 15.94
BR BR J . -15.63 -1.68 -0.88
BR BR K . 7.84 -16.08 11.16
BR BR L . -9.14 -0.56 13.09
BR BR M . -9.47 -11.93 16.16
BR BR N . -11.76 -1.90 1.15
BR BR O . -6.16 6.84 -7.70
BR BR P . 6.58 26.29 -9.36
BR BR Q . -0.25 12.33 -22.15
BR BR R . 10.20 7.32 3.09
BR BR S . -8.49 22.48 -9.12
BR BR T . -6.79 4.84 -3.61
#